data_8BAK
#
_entry.id   8BAK
#
_cell.length_a   53.282
_cell.length_b   56.966
_cell.length_c   114.365
_cell.angle_alpha   90.000
_cell.angle_beta   90.000
_cell.angle_gamma   90.000
#
_symmetry.space_group_name_H-M   'P 21 21 21'
#
loop_
_entity.id
_entity.type
_entity.pdbx_description
1 polymer 'Tyrosine-protein kinase JAK2'
2 non-polymer GLYCEROL
3 non-polymer N~6~-cyclohexyl-N~2~-(4-morpholin-4-ylphenyl)-9H-purine-2,6-diamine
4 water water
#
_entity_poly.entity_id   1
_entity_poly.type   'polypeptide(L)'
_entity_poly.pdbx_seq_one_letter_code
;VFHKIRNEDLIFNESLGQGTFTKIFKGVRREVGDYGQLHETEVLLKVLDKAHRNYSESFFEAASMMSKLSHKHLVLNYGV
CFCGDENILVQEFVKFGSLDTYLKKNKNCINILWKLEVAKQLAWAMHFLEENTLIHGNVCAKNILLIREEDRKTGNPPFI
KLSDPGISITVLPKDILQERIPWVPPECIENPKNLNLATDKWSFGTTLWEICSGGDKPLSALDSQRKLQFYEDRHQLPAP
KAAELANLINNCMDYEPDHRPSFRAIIRDLNSLFTPDLVPRGSHHHHHH
;
_entity_poly.pdbx_strand_id   A
#
loop_
_chem_comp.id
_chem_comp.type
_chem_comp.name
_chem_comp.formula
AD5 non-polymer N~6~-cyclohexyl-N~2~-(4-morpholin-4-ylphenyl)-9H-purine-2,6-diamine 'C21 H27 N7 O'
GOL non-polymer GLYCEROL 'C3 H8 O3'
#
# COMPACT_ATOMS: atom_id res chain seq x y z
N VAL A 1 -15.00 -17.69 1.72
CA VAL A 1 -14.41 -16.86 0.67
C VAL A 1 -12.96 -17.27 0.41
N PHE A 2 -12.13 -17.28 1.46
CA PHE A 2 -10.71 -17.58 1.34
C PHE A 2 -10.46 -19.07 1.45
N HIS A 3 -9.68 -19.62 0.52
CA HIS A 3 -9.23 -21.00 0.63
C HIS A 3 -8.58 -21.24 1.98
N LYS A 4 -9.02 -22.29 2.68
CA LYS A 4 -8.47 -22.60 3.98
C LYS A 4 -7.18 -23.40 3.82
N ILE A 5 -6.13 -22.96 4.50
CA ILE A 5 -4.83 -23.61 4.46
C ILE A 5 -4.59 -24.19 5.85
N ARG A 6 -4.11 -25.43 5.88
CA ARG A 6 -3.95 -26.14 7.14
C ARG A 6 -2.60 -25.79 7.76
N ASN A 7 -2.62 -25.57 9.08
CA ASN A 7 -1.40 -25.22 9.79
C ASN A 7 -0.26 -26.17 9.46
N GLU A 8 -0.58 -27.44 9.19
CA GLU A 8 0.45 -28.44 8.94
C GLU A 8 1.14 -28.23 7.61
N ASP A 9 0.57 -27.43 6.71
CA ASP A 9 1.20 -27.11 5.45
C ASP A 9 1.99 -25.81 5.49
N LEU A 10 2.05 -25.14 6.64
CA LEU A 10 2.75 -23.86 6.78
C LEU A 10 4.00 -24.03 7.63
N ILE A 11 5.13 -23.53 7.11
CA ILE A 11 6.37 -23.47 7.84
C ILE A 11 6.78 -22.01 7.99
N PHE A 12 6.98 -21.57 9.23
CA PHE A 12 7.47 -20.22 9.53
C PHE A 12 8.99 -20.24 9.59
N ASN A 13 9.63 -19.41 8.77
CA ASN A 13 11.08 -19.40 8.65
C ASN A 13 11.76 -18.16 9.22
N GLU A 14 11.21 -16.97 9.01
CA GLU A 14 11.93 -15.77 9.33
C GLU A 14 10.94 -14.70 9.77
N SER A 15 11.27 -14.01 10.85
CA SER A 15 10.47 -12.86 11.29
C SER A 15 10.88 -11.64 10.48
N LEU A 16 9.88 -10.93 9.93
CA LEU A 16 10.14 -9.78 9.10
C LEU A 16 9.67 -8.48 9.76
N GLY A 17 9.18 -8.52 10.99
CA GLY A 17 8.79 -7.34 11.72
C GLY A 17 7.30 -7.28 11.99
N GLN A 18 6.81 -6.06 12.17
CA GLN A 18 5.42 -5.84 12.54
C GLN A 18 4.76 -4.86 11.57
N GLY A 19 3.46 -5.07 11.37
CA GLY A 19 2.58 -4.07 10.83
C GLY A 19 1.65 -3.53 11.89
N THR A 20 0.56 -2.93 11.46
CA THR A 20 -0.40 -2.38 12.40
C THR A 20 -1.19 -3.52 13.03
N PHE A 21 -0.84 -3.87 14.27
CA PHE A 21 -1.43 -5.00 14.98
C PHE A 21 -1.28 -6.31 14.21
N THR A 22 -0.17 -6.47 13.49
CA THR A 22 0.18 -7.71 12.83
C THR A 22 1.65 -8.06 13.08
N LYS A 23 1.96 -9.35 13.00
CA LYS A 23 3.33 -9.82 12.95
C LYS A 23 3.52 -10.50 11.61
N ILE A 24 4.65 -10.23 10.98
CA ILE A 24 4.90 -10.63 9.59
CA ILE A 24 4.90 -10.63 9.59
C ILE A 24 6.06 -11.62 9.54
N PHE A 25 5.90 -12.66 8.74
CA PHE A 25 6.90 -13.70 8.60
C PHE A 25 7.06 -14.10 7.15
N LYS A 26 8.28 -14.54 6.81
CA LYS A 26 8.53 -15.30 5.60
C LYS A 26 8.38 -16.77 5.94
N GLY A 27 7.70 -17.50 5.06
CA GLY A 27 7.55 -18.94 5.28
C GLY A 27 7.41 -19.71 3.99
N VAL A 28 7.01 -20.96 4.14
CA VAL A 28 6.81 -21.85 3.00
C VAL A 28 5.46 -22.51 3.16
N ARG A 29 4.77 -22.70 2.04
CA ARG A 29 3.51 -23.42 2.00
C ARG A 29 3.70 -24.66 1.13
N ARG A 30 3.35 -25.82 1.66
CA ARG A 30 3.29 -27.07 0.92
C ARG A 30 1.92 -27.22 0.26
N GLU A 31 1.89 -27.41 -1.05
CA GLU A 31 0.63 -27.41 -1.76
C GLU A 31 0.70 -28.29 -3.02
N VAL A 32 -0.48 -28.66 -3.51
CA VAL A 32 -0.62 -29.32 -4.80
C VAL A 32 -0.90 -28.25 -5.84
N GLY A 33 -0.05 -28.17 -6.85
CA GLY A 33 -0.15 -27.15 -7.88
C GLY A 33 -0.64 -27.68 -9.20
N ASP A 34 -0.43 -26.89 -10.25
CA ASP A 34 -0.84 -27.27 -11.59
C ASP A 34 -0.33 -28.66 -11.93
N TYR A 35 -1.15 -29.41 -12.67
CA TYR A 35 -0.78 -30.75 -13.12
C TYR A 35 -0.51 -31.70 -11.96
N GLY A 36 -0.99 -31.38 -10.77
CA GLY A 36 -0.78 -32.19 -9.59
C GLY A 36 0.61 -32.10 -9.00
N GLN A 37 1.46 -31.19 -9.46
CA GLN A 37 2.83 -31.12 -8.98
C GLN A 37 2.89 -30.62 -7.54
N LEU A 38 3.70 -31.29 -6.73
CA LEU A 38 3.87 -30.91 -5.33
C LEU A 38 4.90 -29.80 -5.19
N HIS A 39 4.49 -28.66 -4.62
CA HIS A 39 5.35 -27.49 -4.52
C HIS A 39 5.60 -27.12 -3.06
N GLU A 40 6.77 -26.51 -2.82
CA GLU A 40 7.05 -25.79 -1.58
C GLU A 40 7.16 -24.32 -2.00
N THR A 41 6.13 -23.54 -1.70
CA THR A 41 6.01 -22.19 -2.22
C THR A 41 6.39 -21.19 -1.15
N GLU A 42 7.30 -20.27 -1.48
CA GLU A 42 7.60 -19.16 -0.56
C GLU A 42 6.37 -18.31 -0.36
N VAL A 43 6.05 -18.00 0.91
CA VAL A 43 4.87 -17.20 1.20
C VAL A 43 5.22 -16.13 2.22
N LEU A 44 4.40 -15.08 2.21
CA LEU A 44 4.38 -14.06 3.23
C LEU A 44 3.19 -14.34 4.13
N LEU A 45 3.43 -14.39 5.46
CA LEU A 45 2.42 -14.69 6.44
C LEU A 45 2.19 -13.49 7.37
N LYS A 46 0.96 -13.09 7.49
CA LYS A 46 0.55 -11.98 8.34
C LYS A 46 -0.34 -12.55 9.44
N VAL A 47 0.10 -12.40 10.70
CA VAL A 47 -0.52 -13.04 11.85
C VAL A 47 -1.28 -11.98 12.65
N LEU A 48 -2.56 -12.24 12.86
CA LEU A 48 -3.38 -11.38 13.73
C LEU A 48 -3.85 -12.20 14.94
N ASP A 49 -3.81 -11.57 16.12
CA ASP A 49 -4.28 -12.20 17.35
C ASP A 49 -5.81 -12.28 17.34
N LYS A 50 -6.35 -13.49 17.51
CA LYS A 50 -7.81 -13.65 17.52
C LYS A 50 -8.49 -12.80 18.60
N ALA A 51 -7.77 -12.50 19.68
CA ALA A 51 -8.35 -11.73 20.77
C ALA A 51 -8.73 -10.32 20.31
N HIS A 52 -7.96 -9.74 19.39
CA HIS A 52 -8.31 -8.46 18.78
C HIS A 52 -9.33 -8.75 17.69
N ARG A 53 -10.57 -9.03 18.12
CA ARG A 53 -11.56 -9.58 17.19
C ARG A 53 -12.05 -8.52 16.20
N ASN A 54 -12.25 -7.28 16.68
CA ASN A 54 -12.67 -6.22 15.77
C ASN A 54 -11.60 -5.95 14.71
N TYR A 55 -10.34 -5.90 15.13
CA TYR A 55 -9.24 -5.68 14.19
C TYR A 55 -9.15 -6.82 13.18
N SER A 56 -9.21 -8.06 13.66
CA SER A 56 -9.06 -9.20 12.76
C SER A 56 -10.20 -9.27 11.76
N GLU A 57 -11.42 -9.00 12.20
CA GLU A 57 -12.54 -8.98 11.26
C GLU A 57 -12.32 -7.91 10.19
N SER A 58 -11.83 -6.74 10.59
CA SER A 58 -11.60 -5.68 9.63
C SER A 58 -10.51 -6.09 8.65
N PHE A 59 -9.41 -6.57 9.18
CA PHE A 59 -8.28 -6.97 8.34
C PHE A 59 -8.67 -7.99 7.30
N PHE A 60 -9.43 -9.02 7.69
CA PHE A 60 -9.68 -10.10 6.75
C PHE A 60 -10.82 -9.80 5.80
N GLU A 61 -11.80 -9.00 6.22
CA GLU A 61 -12.81 -8.55 5.28
C GLU A 61 -12.19 -7.72 4.17
N ALA A 62 -11.22 -6.87 4.52
CA ALA A 62 -10.58 -6.03 3.51
C ALA A 62 -9.73 -6.86 2.56
N ALA A 63 -8.94 -7.80 3.11
CA ALA A 63 -8.17 -8.68 2.24
C ALA A 63 -9.09 -9.50 1.33
N SER A 64 -10.21 -9.99 1.88
CA SER A 64 -11.14 -10.79 1.09
C SER A 64 -11.77 -9.98 -0.02
N MET A 65 -12.20 -8.77 0.28
CA MET A 65 -12.91 -7.97 -0.73
C MET A 65 -11.99 -7.61 -1.88
N MET A 66 -10.73 -7.31 -1.59
CA MET A 66 -9.83 -6.96 -2.69
C MET A 66 -9.40 -8.19 -3.48
N SER A 67 -9.24 -9.33 -2.80
CA SER A 67 -8.89 -10.55 -3.53
C SER A 67 -10.00 -11.06 -4.46
N LYS A 68 -11.25 -10.64 -4.24
CA LYS A 68 -12.30 -10.93 -5.21
C LYS A 68 -12.11 -10.19 -6.52
N LEU A 69 -11.23 -9.18 -6.55
CA LEU A 69 -10.90 -8.38 -7.74
C LEU A 69 -9.50 -8.72 -8.22
N SER A 70 -9.40 -9.78 -8.99
CA SER A 70 -8.11 -10.22 -9.51
C SER A 70 -7.58 -9.19 -10.50
N HIS A 71 -6.29 -8.84 -10.36
CA HIS A 71 -5.68 -7.76 -11.16
C HIS A 71 -4.18 -7.88 -11.12
N LYS A 72 -3.52 -7.53 -12.24
CA LYS A 72 -2.08 -7.70 -12.33
C LYS A 72 -1.29 -6.85 -11.32
N HIS A 73 -1.88 -5.74 -10.85
CA HIS A 73 -1.19 -4.87 -9.89
C HIS A 73 -1.71 -5.03 -8.46
N LEU A 74 -2.46 -6.09 -8.15
CA LEU A 74 -2.98 -6.33 -6.80
C LEU A 74 -2.39 -7.60 -6.25
N VAL A 75 -1.94 -7.56 -4.99
CA VAL A 75 -1.25 -8.70 -4.40
C VAL A 75 -2.14 -9.93 -4.41
N LEU A 76 -1.51 -11.08 -4.61
CA LEU A 76 -2.19 -12.37 -4.58
C LEU A 76 -2.25 -12.90 -3.16
N ASN A 77 -3.45 -13.11 -2.66
CA ASN A 77 -3.68 -13.80 -1.40
C ASN A 77 -4.02 -15.27 -1.70
N TYR A 78 -3.26 -16.19 -1.12
CA TYR A 78 -3.50 -17.61 -1.37
C TYR A 78 -4.62 -18.17 -0.52
N GLY A 79 -4.77 -17.69 0.71
CA GLY A 79 -5.79 -18.20 1.60
C GLY A 79 -5.49 -17.77 3.01
N VAL A 80 -6.16 -18.43 3.96
CA VAL A 80 -6.03 -18.08 5.36
C VAL A 80 -5.92 -19.36 6.18
N CYS A 81 -5.21 -19.27 7.30
CA CYS A 81 -5.20 -20.31 8.30
C CYS A 81 -5.87 -19.76 9.53
N PHE A 82 -7.02 -20.34 9.91
CA PHE A 82 -7.58 -20.12 11.23
C PHE A 82 -6.82 -21.00 12.22
N CYS A 83 -5.53 -20.68 12.33
CA CYS A 83 -4.56 -21.44 13.10
C CYS A 83 -4.81 -21.28 14.60
N GLY A 84 -5.93 -21.82 15.08
CA GLY A 84 -6.22 -21.79 16.51
C GLY A 84 -6.39 -20.41 17.10
N ASP A 85 -5.44 -20.00 17.93
CA ASP A 85 -5.49 -18.72 18.61
C ASP A 85 -5.13 -17.54 17.71
N GLU A 86 -4.84 -17.79 16.44
CA GLU A 86 -4.41 -16.75 15.52
C GLU A 86 -5.08 -16.95 14.17
N ASN A 87 -5.29 -15.85 13.46
CA ASN A 87 -5.73 -15.87 12.08
C ASN A 87 -4.59 -15.38 11.19
N ILE A 88 -4.30 -16.14 10.14
CA ILE A 88 -3.08 -15.93 9.37
C ILE A 88 -3.48 -15.77 7.91
N LEU A 89 -3.10 -14.62 7.32
CA LEU A 89 -3.22 -14.40 5.88
C LEU A 89 -1.96 -14.94 5.21
N VAL A 90 -2.15 -15.79 4.19
CA VAL A 90 -1.03 -16.36 3.44
C VAL A 90 -1.00 -15.65 2.10
N GLN A 91 0.11 -14.97 1.83
CA GLN A 91 0.22 -14.14 0.64
C GLN A 91 1.40 -14.55 -0.20
N GLU A 92 1.39 -14.09 -1.48
CA GLU A 92 2.58 -14.26 -2.30
C GLU A 92 3.75 -13.51 -1.68
N PHE A 93 4.93 -14.10 -1.77
CA PHE A 93 6.16 -13.46 -1.32
C PHE A 93 6.75 -12.71 -2.51
N VAL A 94 6.99 -11.42 -2.34
CA VAL A 94 7.46 -10.55 -3.42
C VAL A 94 8.96 -10.35 -3.27
N LYS A 95 9.70 -10.70 -4.31
CA LYS A 95 11.16 -10.83 -4.21
C LYS A 95 11.84 -9.60 -3.60
N PHE A 96 11.47 -8.39 -4.05
CA PHE A 96 12.23 -7.20 -3.70
C PHE A 96 11.62 -6.39 -2.57
N GLY A 97 10.54 -6.86 -1.98
CA GLY A 97 10.02 -6.19 -0.79
C GLY A 97 9.32 -4.87 -1.08
N SER A 98 9.19 -4.06 -0.03
CA SER A 98 8.43 -2.82 -0.11
CA SER A 98 8.45 -2.82 -0.08
C SER A 98 9.24 -1.73 -0.83
N LEU A 99 8.51 -0.82 -1.46
CA LEU A 99 9.11 0.19 -2.32
C LEU A 99 9.89 1.23 -1.52
N ASP A 100 9.40 1.62 -0.34
CA ASP A 100 10.12 2.64 0.40
C ASP A 100 11.50 2.13 0.81
N THR A 101 11.56 0.90 1.30
CA THR A 101 12.86 0.28 1.64
C THR A 101 13.75 0.14 0.41
N TYR A 102 13.17 -0.28 -0.73
CA TYR A 102 13.95 -0.41 -1.95
C TYR A 102 14.58 0.91 -2.36
N LEU A 103 13.79 1.97 -2.31
CA LEU A 103 14.32 3.28 -2.70
C LEU A 103 15.44 3.74 -1.77
N LYS A 104 15.29 3.50 -0.47
CA LYS A 104 16.36 3.82 0.48
C LYS A 104 17.60 3.00 0.21
N LYS A 105 17.44 1.71 -0.02
CA LYS A 105 18.59 0.83 -0.16
C LYS A 105 19.37 1.13 -1.43
N ASN A 106 18.72 1.70 -2.43
CA ASN A 106 19.38 2.12 -3.65
C ASN A 106 19.80 3.59 -3.61
N LYS A 107 19.69 4.23 -2.45
CA LYS A 107 20.19 5.57 -2.24
CA LYS A 107 20.19 5.57 -2.24
C LYS A 107 19.59 6.55 -3.24
N ASN A 108 18.33 6.30 -3.63
CA ASN A 108 17.62 7.18 -4.54
C ASN A 108 18.38 7.38 -5.84
N CYS A 109 19.23 6.41 -6.20
CA CYS A 109 19.89 6.42 -7.52
C CYS A 109 18.92 5.81 -8.53
N ILE A 110 17.79 6.49 -8.65
CA ILE A 110 16.63 6.06 -9.41
C ILE A 110 16.20 7.25 -10.26
N ASN A 111 16.11 7.04 -11.58
CA ASN A 111 15.80 8.13 -12.47
C ASN A 111 14.31 8.44 -12.48
N ILE A 112 13.96 9.62 -13.00
CA ILE A 112 12.58 10.05 -12.90
C ILE A 112 11.67 9.17 -13.75
N LEU A 113 12.18 8.61 -14.83
CA LEU A 113 11.32 7.77 -15.68
C LEU A 113 10.93 6.48 -14.99
N TRP A 114 11.81 5.96 -14.13
CA TRP A 114 11.46 4.81 -13.29
C TRP A 114 10.36 5.16 -12.30
N LYS A 115 10.46 6.31 -11.67
CA LYS A 115 9.44 6.77 -10.75
C LYS A 115 8.12 6.98 -11.46
N LEU A 116 8.16 7.56 -12.67
CA LEU A 116 6.93 7.76 -13.45
C LEU A 116 6.25 6.44 -13.79
N GLU A 117 7.02 5.43 -14.17
CA GLU A 117 6.41 4.14 -14.50
CA GLU A 117 6.40 4.15 -14.50
C GLU A 117 5.75 3.52 -13.29
N VAL A 118 6.40 3.56 -12.12
CA VAL A 118 5.79 3.01 -10.90
C VAL A 118 4.55 3.79 -10.52
N ALA A 119 4.61 5.13 -10.63
CA ALA A 119 3.44 5.96 -10.35
C ALA A 119 2.27 5.60 -11.26
N LYS A 120 2.54 5.41 -12.55
CA LYS A 120 1.50 5.03 -13.50
C LYS A 120 0.87 3.69 -13.16
N GLN A 121 1.69 2.69 -12.81
CA GLN A 121 1.17 1.38 -12.44
C GLN A 121 0.27 1.48 -11.22
N LEU A 122 0.72 2.23 -10.21
CA LEU A 122 -0.14 2.43 -9.05
C LEU A 122 -1.43 3.13 -9.45
N ALA A 123 -1.36 4.18 -10.28
CA ALA A 123 -2.56 4.88 -10.72
C ALA A 123 -3.55 3.96 -11.47
N TRP A 124 -3.03 3.04 -12.28
CA TRP A 124 -3.89 2.08 -12.97
C TRP A 124 -4.54 1.12 -11.98
N ALA A 125 -3.79 0.68 -10.97
CA ALA A 125 -4.40 -0.13 -9.92
C ALA A 125 -5.51 0.63 -9.20
N MET A 126 -5.27 1.90 -8.91
CA MET A 126 -6.24 2.69 -8.21
C MET A 126 -7.46 3.00 -9.07
N HIS A 127 -7.26 3.15 -10.37
CA HIS A 127 -8.36 3.38 -11.28
C HIS A 127 -9.25 2.14 -11.30
N PHE A 128 -8.65 0.96 -11.33
CA PHE A 128 -9.43 -0.28 -11.23
C PHE A 128 -10.24 -0.32 -9.96
N LEU A 129 -9.64 0.02 -8.84
CA LEU A 129 -10.40 0.04 -7.59
C LEU A 129 -11.51 1.09 -7.62
N GLU A 130 -11.22 2.27 -8.16
CA GLU A 130 -12.24 3.32 -8.25
C GLU A 130 -13.43 2.86 -9.11
N GLU A 131 -13.13 2.22 -10.23
CA GLU A 131 -14.20 1.74 -11.10
CA GLU A 131 -14.23 1.77 -11.08
C GLU A 131 -15.05 0.68 -10.40
N ASN A 132 -14.45 -0.07 -9.47
CA ASN A 132 -15.13 -1.06 -8.65
C ASN A 132 -15.68 -0.50 -7.35
N THR A 133 -15.59 0.82 -7.16
CA THR A 133 -16.01 1.49 -5.94
C THR A 133 -15.51 0.79 -4.69
N LEU A 134 -14.23 0.38 -4.70
CA LEU A 134 -13.61 -0.24 -3.54
C LEU A 134 -12.58 0.72 -2.94
N ILE A 135 -12.73 1.03 -1.66
CA ILE A 135 -11.79 1.89 -0.96
C ILE A 135 -10.66 1.05 -0.40
N HIS A 136 -9.42 1.44 -0.69
CA HIS A 136 -8.29 0.73 -0.11
C HIS A 136 -8.04 1.24 1.30
N GLY A 137 -7.74 2.53 1.41
CA GLY A 137 -7.67 3.20 2.69
C GLY A 137 -6.32 3.20 3.36
N ASN A 138 -5.31 2.58 2.76
CA ASN A 138 -3.97 2.71 3.31
C ASN A 138 -2.94 2.61 2.19
N VAL A 139 -3.07 3.53 1.24
CA VAL A 139 -2.10 3.62 0.15
C VAL A 139 -0.87 4.34 0.68
N CYS A 140 0.26 3.69 0.61
CA CYS A 140 1.54 4.24 1.06
C CYS A 140 2.67 3.40 0.46
N ALA A 141 3.89 3.95 0.48
CA ALA A 141 4.97 3.25 -0.22
C ALA A 141 5.33 1.93 0.45
N LYS A 142 5.09 1.81 1.76
CA LYS A 142 5.32 0.54 2.44
C LYS A 142 4.40 -0.54 1.91
N ASN A 143 3.25 -0.17 1.36
CA ASN A 143 2.28 -1.09 0.79
C ASN A 143 2.39 -1.20 -0.72
N ILE A 144 3.47 -0.73 -1.30
CA ILE A 144 3.78 -0.99 -2.70
CA ILE A 144 3.78 -1.00 -2.70
C ILE A 144 4.90 -2.03 -2.70
N LEU A 145 4.67 -3.15 -3.39
CA LEU A 145 5.59 -4.26 -3.43
C LEU A 145 6.25 -4.35 -4.80
N LEU A 146 7.58 -4.54 -4.83
CA LEU A 146 8.33 -4.54 -6.09
C LEU A 146 8.55 -5.99 -6.54
N ILE A 147 7.82 -6.37 -7.60
CA ILE A 147 7.86 -7.72 -8.11
C ILE A 147 9.11 -7.95 -8.92
N ARG A 148 9.52 -6.95 -9.70
CA ARG A 148 10.55 -7.06 -10.72
C ARG A 148 11.29 -5.74 -10.77
N GLU A 149 12.60 -5.81 -10.81
CA GLU A 149 13.41 -4.63 -11.10
C GLU A 149 13.40 -4.30 -12.59
N GLU A 150 13.74 -3.06 -12.91
CA GLU A 150 13.96 -2.65 -14.28
C GLU A 150 15.03 -3.53 -14.90
N ASP A 151 14.90 -3.78 -16.19
CA ASP A 151 15.91 -4.49 -16.97
C ASP A 151 16.23 -3.63 -18.19
N ARG A 152 17.37 -2.93 -18.14
CA ARG A 152 17.70 -1.98 -19.20
C ARG A 152 17.97 -2.66 -20.53
N LYS A 153 18.41 -3.93 -20.51
CA LYS A 153 18.70 -4.63 -21.76
C LYS A 153 17.42 -4.91 -22.54
N THR A 154 16.36 -5.31 -21.86
CA THR A 154 15.10 -5.61 -22.51
C THR A 154 14.17 -4.40 -22.60
N GLY A 155 14.45 -3.33 -21.87
CA GLY A 155 13.52 -2.21 -21.79
C GLY A 155 12.35 -2.44 -20.86
N ASN A 156 12.33 -3.53 -20.13
CA ASN A 156 11.23 -3.81 -19.22
C ASN A 156 11.33 -2.86 -18.01
N PRO A 157 10.24 -2.21 -17.63
CA PRO A 157 10.26 -1.35 -16.47
C PRO A 157 10.18 -2.16 -15.20
N PRO A 158 10.39 -1.53 -14.04
CA PRO A 158 10.02 -2.20 -12.79
C PRO A 158 8.53 -2.54 -12.86
N PHE A 159 8.11 -3.48 -11.99
CA PHE A 159 6.70 -3.87 -11.94
C PHE A 159 6.32 -3.97 -10.47
N ILE A 160 5.22 -3.30 -10.08
CA ILE A 160 4.76 -3.28 -8.70
C ILE A 160 3.36 -3.90 -8.55
N LYS A 161 3.04 -4.19 -7.29
CA LYS A 161 1.72 -4.50 -6.83
C LYS A 161 1.40 -3.75 -5.55
N LEU A 162 0.11 -3.49 -5.38
CA LEU A 162 -0.45 -2.88 -4.18
C LEU A 162 -0.85 -3.98 -3.21
N SER A 163 -0.41 -3.82 -1.98
CA SER A 163 -0.64 -4.79 -0.92
C SER A 163 -2.06 -4.65 -0.35
N ASP A 164 -2.38 -5.55 0.58
CA ASP A 164 -3.72 -5.60 1.15
C ASP A 164 -3.99 -4.41 2.05
N PRO A 165 -5.28 -4.05 2.22
CA PRO A 165 -5.59 -2.81 2.89
C PRO A 165 -5.23 -2.79 4.36
N GLY A 166 -5.31 -3.92 5.03
CA GLY A 166 -5.05 -3.91 6.47
C GLY A 166 -6.27 -3.46 7.25
N ILE A 167 -6.06 -3.28 8.56
CA ILE A 167 -7.16 -2.88 9.44
C ILE A 167 -7.65 -1.51 9.01
N SER A 168 -8.95 -1.35 8.88
CA SER A 168 -9.52 -0.09 8.41
C SER A 168 -9.29 1.05 9.40
N ILE A 169 -9.08 2.26 8.85
CA ILE A 169 -8.92 3.40 9.75
C ILE A 169 -10.22 3.76 10.46
N THR A 170 -11.34 3.19 10.04
CA THR A 170 -12.59 3.38 10.76
C THR A 170 -12.64 2.63 12.08
N VAL A 171 -11.72 1.70 12.35
CA VAL A 171 -11.70 0.98 13.60
C VAL A 171 -10.40 1.15 14.37
N LEU A 172 -9.38 1.79 13.79
CA LEU A 172 -8.13 2.00 14.48
C LEU A 172 -8.23 3.13 15.51
N PRO A 173 -7.40 3.09 16.56
CA PRO A 173 -7.38 4.20 17.52
C PRO A 173 -6.99 5.51 16.88
N LYS A 174 -7.54 6.60 17.42
CA LYS A 174 -7.28 7.92 16.85
C LYS A 174 -5.81 8.28 16.92
N ASP A 175 -5.10 7.84 17.96
CA ASP A 175 -3.68 8.13 18.02
C ASP A 175 -2.94 7.50 16.83
N ILE A 176 -3.43 6.36 16.34
CA ILE A 176 -2.78 5.73 15.19
C ILE A 176 -3.04 6.53 13.92
N LEU A 177 -4.29 6.99 13.73
CA LEU A 177 -4.57 7.85 12.59
C LEU A 177 -3.72 9.11 12.60
N GLN A 178 -3.51 9.71 13.78
CA GLN A 178 -2.71 10.91 13.84
C GLN A 178 -1.26 10.64 13.46
N GLU A 179 -0.69 9.54 13.98
CA GLU A 179 0.65 9.17 13.58
C GLU A 179 0.76 9.01 12.07
N ARG A 180 -0.33 8.58 11.44
CA ARG A 180 -0.37 8.30 10.01
C ARG A 180 -0.64 9.56 9.16
N ILE A 181 -0.74 10.74 9.77
CA ILE A 181 -0.67 11.98 8.97
C ILE A 181 0.72 12.06 8.36
N PRO A 182 0.88 12.44 7.07
CA PRO A 182 -0.12 12.96 6.14
C PRO A 182 -0.65 11.90 5.09
N TRP A 183 -0.66 10.62 5.44
CA TRP A 183 -1.33 9.64 4.57
C TRP A 183 -2.83 9.62 4.82
N VAL A 184 -3.26 9.67 6.08
CA VAL A 184 -4.68 9.80 6.39
C VAL A 184 -5.12 11.22 6.09
N PRO A 185 -6.15 11.43 5.30
CA PRO A 185 -6.50 12.79 4.87
C PRO A 185 -7.16 13.59 5.98
N PRO A 186 -7.19 14.92 5.85
CA PRO A 186 -7.73 15.77 6.92
C PRO A 186 -9.16 15.42 7.31
N GLU A 187 -10.04 15.09 6.36
CA GLU A 187 -11.42 14.79 6.69
C GLU A 187 -11.54 13.54 7.55
N CYS A 188 -10.59 12.60 7.46
CA CYS A 188 -10.64 11.42 8.29
C CYS A 188 -10.05 11.65 9.67
N ILE A 189 -9.13 12.61 9.81
CA ILE A 189 -8.69 13.06 11.13
C ILE A 189 -9.86 13.75 11.84
N GLU A 190 -10.65 14.52 11.10
CA GLU A 190 -11.85 15.14 11.67
C GLU A 190 -12.86 14.09 12.08
N ASN A 191 -13.10 13.10 11.22
CA ASN A 191 -14.05 12.03 11.50
C ASN A 191 -13.75 10.81 10.65
N PRO A 192 -13.36 9.67 11.25
CA PRO A 192 -13.04 8.49 10.42
C PRO A 192 -14.19 7.98 9.60
N LYS A 193 -15.42 8.37 9.91
CA LYS A 193 -16.55 8.00 9.07
C LYS A 193 -16.51 8.67 7.69
N ASN A 194 -15.65 9.68 7.52
CA ASN A 194 -15.48 10.35 6.23
C ASN A 194 -14.64 9.54 5.24
N LEU A 195 -14.19 8.36 5.63
CA LEU A 195 -13.55 7.46 4.67
C LEU A 195 -14.38 7.35 3.40
N ASN A 196 -13.74 7.53 2.25
CA ASN A 196 -14.43 7.66 0.97
C ASN A 196 -13.40 7.29 -0.11
N LEU A 197 -13.89 7.10 -1.35
CA LEU A 197 -12.93 6.94 -2.45
C LEU A 197 -11.95 8.12 -2.50
N ALA A 198 -12.45 9.32 -2.19
CA ALA A 198 -11.57 10.48 -2.16
C ALA A 198 -10.38 10.26 -1.25
N THR A 199 -10.51 9.43 -0.18
CA THR A 199 -9.40 9.23 0.73
C THR A 199 -8.18 8.73 -0.03
N ASP A 200 -8.38 7.80 -0.97
CA ASP A 200 -7.25 7.17 -1.64
C ASP A 200 -6.56 8.13 -2.58
N LYS A 201 -7.28 9.12 -3.08
CA LYS A 201 -6.61 10.10 -3.92
C LYS A 201 -5.63 10.93 -3.09
N TRP A 202 -6.04 11.35 -1.88
CA TRP A 202 -5.11 12.06 -1.02
C TRP A 202 -3.88 11.19 -0.73
N SER A 203 -4.11 9.94 -0.30
CA SER A 203 -3.02 9.09 0.10
C SER A 203 -2.10 8.78 -1.08
N PHE A 204 -2.66 8.67 -2.28
CA PHE A 204 -1.86 8.49 -3.47
C PHE A 204 -0.89 9.64 -3.64
N GLY A 205 -1.36 10.88 -3.41
CA GLY A 205 -0.45 12.04 -3.41
C GLY A 205 0.69 11.90 -2.41
N THR A 206 0.37 11.49 -1.19
CA THR A 206 1.45 11.29 -0.21
C THR A 206 2.43 10.21 -0.66
N THR A 207 1.93 9.17 -1.29
CA THR A 207 2.76 8.07 -1.76
C THR A 207 3.65 8.52 -2.90
N LEU A 208 3.13 9.33 -3.84
CA LEU A 208 4.00 9.92 -4.83
C LEU A 208 5.12 10.76 -4.20
N TRP A 209 4.80 11.53 -3.15
CA TRP A 209 5.83 12.29 -2.46
C TRP A 209 6.92 11.34 -1.92
N GLU A 210 6.50 10.22 -1.33
CA GLU A 210 7.49 9.23 -0.89
C GLU A 210 8.38 8.75 -2.02
N ILE A 211 7.77 8.40 -3.15
CA ILE A 211 8.50 7.88 -4.30
C ILE A 211 9.50 8.90 -4.80
N CYS A 212 9.08 10.16 -4.89
CA CYS A 212 9.95 11.19 -5.44
C CYS A 212 11.02 11.59 -4.45
N SER A 213 10.83 11.29 -3.18
CA SER A 213 11.78 11.64 -2.13
C SER A 213 12.72 10.50 -1.77
N GLY A 214 12.78 9.48 -2.62
CA GLY A 214 13.66 8.35 -2.37
C GLY A 214 13.35 7.57 -1.11
N GLY A 215 12.08 7.55 -0.69
CA GLY A 215 11.70 6.78 0.47
C GLY A 215 11.79 7.48 1.79
N ASP A 216 12.01 8.80 1.80
CA ASP A 216 11.81 9.57 3.02
C ASP A 216 10.35 9.53 3.45
N LYS A 217 10.11 9.78 4.72
CA LYS A 217 8.76 9.87 5.24
C LYS A 217 8.41 11.34 5.47
N PRO A 218 7.35 11.82 4.86
CA PRO A 218 7.00 13.25 5.04
C PRO A 218 6.56 13.53 6.46
N LEU A 219 6.98 14.73 6.95
CA LEU A 219 6.63 15.23 8.27
C LEU A 219 7.23 14.34 9.38
N SER A 220 8.30 13.61 9.07
CA SER A 220 8.83 12.66 10.04
C SER A 220 9.35 13.39 11.27
N ALA A 221 9.79 14.63 11.11
CA ALA A 221 10.27 15.43 12.22
C ALA A 221 9.16 15.98 13.10
N LEU A 222 7.90 15.86 12.69
CA LEU A 222 6.77 16.39 13.44
C LEU A 222 6.14 15.29 14.29
N ASP A 223 5.91 15.59 15.57
CA ASP A 223 5.13 14.69 16.41
C ASP A 223 3.66 14.84 16.05
N SER A 224 2.81 14.03 16.68
CA SER A 224 1.39 14.03 16.32
C SER A 224 0.76 15.40 16.53
N GLN A 225 1.06 16.06 17.64
CA GLN A 225 0.51 17.38 17.89
C GLN A 225 0.84 18.32 16.73
N ARG A 226 2.10 18.33 16.30
CA ARG A 226 2.49 19.22 15.22
C ARG A 226 1.90 18.76 13.89
N LYS A 227 1.60 17.47 13.75
CA LYS A 227 0.92 16.99 12.54
C LYS A 227 -0.50 17.52 12.45
N LEU A 228 -1.19 17.66 13.60
CA LEU A 228 -2.50 18.30 13.60
C LEU A 228 -2.40 19.77 13.20
N GLN A 229 -1.43 20.49 13.75
CA GLN A 229 -1.25 21.89 13.37
C GLN A 229 -0.97 22.00 11.87
N PHE A 230 -0.20 21.06 11.32
CA PHE A 230 0.04 21.04 9.89
C PHE A 230 -1.27 21.09 9.13
N TYR A 231 -2.25 20.27 9.53
CA TYR A 231 -3.52 20.24 8.84
C TYR A 231 -4.36 21.45 9.23
N GLU A 232 -4.30 21.87 10.49
CA GLU A 232 -5.03 23.07 10.94
C GLU A 232 -4.66 24.28 10.11
N ASP A 233 -3.37 24.56 10.00
CA ASP A 233 -2.89 25.64 9.15
C ASP A 233 -2.94 25.29 7.67
N ARG A 234 -3.39 24.06 7.33
CA ARG A 234 -3.63 23.66 5.95
C ARG A 234 -2.39 23.84 5.08
N HIS A 235 -1.27 23.36 5.58
CA HIS A 235 -0.04 23.43 4.80
C HIS A 235 -0.01 22.29 3.78
N GLN A 236 0.81 22.49 2.75
CA GLN A 236 1.09 21.41 1.83
CA GLN A 236 1.15 21.49 1.75
C GLN A 236 2.50 20.86 2.07
N LEU A 237 2.77 19.71 1.47
CA LEU A 237 4.10 19.15 1.59
C LEU A 237 5.08 19.95 0.73
N PRO A 238 6.35 20.01 1.12
CA PRO A 238 7.35 20.62 0.24
C PRO A 238 7.51 19.82 -1.03
N ALA A 239 7.89 20.51 -2.10
CA ALA A 239 8.20 19.81 -3.34
C ALA A 239 9.30 18.79 -3.07
N PRO A 240 9.15 17.54 -3.50
CA PRO A 240 10.22 16.56 -3.28
C PRO A 240 11.45 16.91 -4.08
N LYS A 241 12.56 16.24 -3.74
CA LYS A 241 13.80 16.38 -4.50
C LYS A 241 13.53 16.29 -5.99
N ALA A 242 12.98 15.15 -6.43
CA ALA A 242 12.44 15.05 -7.79
C ALA A 242 11.16 15.85 -7.87
N ALA A 243 11.25 17.13 -8.25
CA ALA A 243 10.11 18.03 -8.20
C ALA A 243 9.18 17.88 -9.39
N GLU A 244 9.43 16.93 -10.29
CA GLU A 244 8.61 16.84 -11.49
C GLU A 244 7.17 16.52 -11.16
N LEU A 245 6.93 15.83 -10.04
CA LEU A 245 5.58 15.44 -9.66
C LEU A 245 4.97 16.33 -8.59
N ALA A 246 5.64 17.43 -8.21
CA ALA A 246 5.14 18.26 -7.14
C ALA A 246 3.73 18.78 -7.42
N ASN A 247 3.45 19.17 -8.66
CA ASN A 247 2.12 19.71 -8.96
C ASN A 247 1.07 18.63 -8.82
N LEU A 248 1.35 17.40 -9.32
CA LEU A 248 0.38 16.33 -9.21
C LEU A 248 0.14 15.93 -7.75
N ILE A 249 1.21 15.87 -6.96
CA ILE A 249 1.08 15.66 -5.51
C ILE A 249 0.12 16.68 -4.90
N ASN A 250 0.35 17.98 -5.17
CA ASN A 250 -0.50 19.03 -4.59
C ASN A 250 -1.94 18.93 -5.08
N ASN A 251 -2.15 18.61 -6.36
CA ASN A 251 -3.49 18.44 -6.88
C ASN A 251 -4.20 17.27 -6.24
N CYS A 252 -3.48 16.20 -5.91
CA CYS A 252 -4.10 15.05 -5.24
C CYS A 252 -4.37 15.34 -3.77
N MET A 253 -3.45 16.04 -3.11
CA MET A 253 -3.58 16.37 -1.69
C MET A 253 -4.37 17.67 -1.54
N ASP A 254 -5.58 17.64 -2.07
CA ASP A 254 -6.46 18.78 -2.01
C ASP A 254 -7.29 18.65 -0.73
N TYR A 255 -7.29 19.72 0.09
CA TYR A 255 -8.10 19.69 1.32
C TYR A 255 -9.58 19.54 1.07
N GLU A 256 -10.06 19.86 -0.13
CA GLU A 256 -11.46 19.63 -0.49
CA GLU A 256 -11.46 19.63 -0.49
C GLU A 256 -11.57 18.26 -1.11
N PRO A 257 -12.15 17.27 -0.46
CA PRO A 257 -12.15 15.91 -1.04
C PRO A 257 -12.79 15.85 -2.42
N ASP A 258 -13.88 16.61 -2.64
CA ASP A 258 -14.56 16.55 -3.91
C ASP A 258 -13.76 17.13 -5.05
N HIS A 259 -12.69 17.88 -4.79
CA HIS A 259 -11.87 18.43 -5.85
C HIS A 259 -10.73 17.52 -6.28
N ARG A 260 -10.51 16.39 -5.59
CA ARG A 260 -9.41 15.53 -5.97
C ARG A 260 -9.73 14.85 -7.29
N PRO A 261 -8.77 14.78 -8.20
CA PRO A 261 -9.07 14.28 -9.55
C PRO A 261 -9.25 12.80 -9.59
N SER A 262 -9.97 12.35 -10.62
CA SER A 262 -10.10 10.91 -10.85
C SER A 262 -8.76 10.26 -11.15
N PHE A 263 -8.69 8.94 -10.94
CA PHE A 263 -7.46 8.25 -11.29
C PHE A 263 -7.28 8.22 -12.80
N ARG A 264 -8.38 8.22 -13.55
CA ARG A 264 -8.29 8.36 -15.01
C ARG A 264 -7.59 9.65 -15.39
N ALA A 265 -7.96 10.75 -14.73
CA ALA A 265 -7.31 12.03 -14.98
C ALA A 265 -5.86 12.04 -14.49
N ILE A 266 -5.59 11.39 -13.36
CA ILE A 266 -4.22 11.26 -12.89
C ILE A 266 -3.36 10.53 -13.91
N ILE A 267 -3.88 9.45 -14.49
CA ILE A 267 -3.10 8.70 -15.46
C ILE A 267 -2.78 9.60 -16.67
N ARG A 268 -3.74 10.37 -17.12
CA ARG A 268 -3.49 11.26 -18.27
C ARG A 268 -2.42 12.29 -17.92
N ASP A 269 -2.45 12.78 -16.68
CA ASP A 269 -1.45 13.75 -16.25
C ASP A 269 -0.07 13.12 -16.21
N LEU A 270 0.04 11.90 -15.67
CA LEU A 270 1.32 11.20 -15.66
C LEU A 270 1.85 10.98 -17.09
N ASN A 271 0.97 10.57 -18.00
CA ASN A 271 1.39 10.34 -19.37
C ASN A 271 1.96 11.62 -19.99
N SER A 272 1.40 12.78 -19.64
CA SER A 272 1.82 14.03 -20.25
CA SER A 272 1.82 14.03 -20.25
C SER A 272 3.22 14.45 -19.83
N LEU A 273 3.72 13.95 -18.71
CA LEU A 273 5.08 14.24 -18.27
C LEU A 273 6.07 13.48 -19.16
N PHE A 274 6.81 14.21 -19.99
CA PHE A 274 7.73 13.59 -20.92
C PHE A 274 9.15 13.55 -20.37
C1 GOL B . -4.09 -0.94 -19.95
O1 GOL B . -4.62 -1.98 -20.82
C2 GOL B . -3.00 -1.52 -19.17
O2 GOL B . -1.84 -1.87 -19.92
C3 GOL B . -2.58 -0.46 -18.07
O3 GOL B . -2.02 -1.21 -17.03
H11 GOL B . -4.77 -0.58 -19.34
H12 GOL B . -3.75 -0.17 -20.45
HO1 GOL B . -5.25 -2.34 -20.37
H2 GOL B . -3.37 -2.34 -18.80
HO2 GOL B . -1.18 -1.92 -19.40
H31 GOL B . -3.36 0.05 -17.80
H32 GOL B . -1.97 0.18 -18.46
HO3 GOL B . -2.49 -1.07 -16.35
C1 GOL C . -4.28 -11.21 -8.05
O1 GOL C . -4.91 -9.93 -7.84
C2 GOL C . -3.57 -11.18 -9.44
O2 GOL C . -2.26 -10.58 -9.38
C3 GOL C . -3.53 -12.63 -9.90
O3 GOL C . -2.56 -13.30 -9.13
H11 GOL C . -4.91 -11.94 -8.04
H12 GOL C . -3.62 -11.41 -7.37
HO1 GOL C . -4.33 -9.44 -7.46
H2 GOL C . -4.08 -10.63 -10.06
HO2 GOL C . -2.36 -9.75 -9.46
H31 GOL C . -3.33 -12.65 -10.85
H32 GOL C . -4.41 -13.02 -9.82
HO3 GOL C . -2.03 -12.70 -8.86
C1 GOL D . 0.73 3.99 7.06
O1 GOL D . 0.01 5.03 6.50
C2 GOL D . 2.10 4.59 7.51
O2 GOL D . 2.74 3.72 8.33
C3 GOL D . 2.84 4.92 6.23
O3 GOL D . 4.25 4.66 6.41
H11 GOL D . 0.89 3.26 6.45
H12 GOL D . 0.29 3.60 7.83
HO1 GOL D . -0.62 4.66 6.06
H2 GOL D . 2.00 5.41 8.01
H31 GOL D . 2.64 5.84 6.00
H32 GOL D . 2.45 4.39 5.52
HO3 GOL D . 4.34 4.59 7.26
C1 GOL E . 2.51 -10.27 -15.33
O1 GOL E . 1.41 -9.44 -14.83
C2 GOL E . 3.82 -9.52 -15.07
O2 GOL E . 4.53 -9.33 -16.26
C3 GOL E . 4.63 -10.41 -14.08
O3 GOL E . 5.76 -9.65 -13.66
H11 GOL E . 2.43 -10.45 -16.28
H12 GOL E . 2.54 -11.13 -14.89
HO1 GOL E . 1.28 -8.86 -15.44
H2 GOL E . 3.64 -8.65 -14.70
HO2 GOL E . 5.24 -8.89 -16.08
H31 GOL E . 4.87 -11.23 -14.53
H32 GOL E . 4.04 -10.67 -13.36
HO3 GOL E . 6.18 -10.13 -13.11
C1 GOL F . -6.03 17.26 -14.05
C1 GOL F . -4.53 16.51 -11.82
O1 GOL F . -6.91 16.23 -13.78
O1 GOL F . -3.14 16.77 -11.77
C2 GOL F . -5.11 17.47 -12.82
C2 GOL F . -5.12 17.23 -13.06
O2 GOL F . -5.81 17.91 -11.70
O2 GOL F . -6.25 16.55 -13.58
C3 GOL F . -4.45 16.10 -12.59
C3 GOL F . -5.43 18.69 -12.62
O3 GOL F . -3.46 16.31 -11.62
O3 GOL F . -6.39 18.69 -11.54
H11 GOL F . -6.48 18.10 -14.25
H11 GOL F . -5.00 16.83 -11.03
H12 GOL F . -5.47 17.08 -14.83
H12 GOL F . -4.74 15.56 -11.89
HO1 GOL F . -7.49 16.24 -14.40
HO1 GOL F . -2.89 16.54 -11.01
H2 GOL F . -4.44 18.15 -13.00
H2 GOL F . -4.45 17.24 -13.77
HO2 GOL F . -5.28 17.91 -11.04
HO2 GOL F . -6.86 16.59 -12.97
H31 GOL F . -4.09 15.78 -13.43
H31 GOL F . -5.75 19.16 -13.39
H32 GOL F . -5.13 15.46 -12.33
H32 GOL F . -4.59 19.11 -12.37
HO3 GOL F . -6.98 19.26 -11.73
CAK AD5 G . 6.35 -4.91 4.48
CAG AD5 G . 7.48 -4.27 5.31
CAF AD5 G . 7.95 -5.21 6.40
CAH AD5 G . 8.40 -6.52 5.78
CAL AD5 G . 7.29 -7.14 4.94
CBB AD5 G . 6.87 -6.21 3.81
N6 AD5 G . 5.84 -6.80 2.95
C6 AD5 G . 6.10 -7.84 2.04
N1 AD5 G . 7.34 -8.27 1.75
C5 AD5 G . 4.97 -8.45 1.40
N7 AD5 G . 3.60 -8.33 1.45
C8 AD5 G . 3.08 -9.26 0.56
N9 AD5 G . 4.00 -9.98 -0.05
C4 AD5 G . 5.22 -9.48 0.48
N3 AD5 G . 6.48 -9.96 0.19
C2 AD5 G . 7.47 -9.31 0.81
N2 AD5 G . 8.77 -9.73 0.52
CAV AD5 G . 10.04 -9.23 0.97
CAB AD5 G . 11.17 -9.42 0.16
CAD AD5 G . 12.44 -8.96 0.51
CAA AD5 G . 10.27 -8.54 2.17
CAC AD5 G . 11.56 -8.06 2.51
CAW AD5 G . 12.68 -8.25 1.70
NBC AD5 G . 14.05 -7.80 1.93
CAM AD5 G . 14.57 -6.85 0.86
CAI AD5 G . 16.02 -6.45 1.07
OAU AD5 G . 16.25 -5.92 2.35
CAJ AD5 G . 15.82 -6.66 3.42
CAN AD5 G . 14.30 -7.12 3.25
HAK1 AD5 G . 5.48 -5.10 5.13
HAK2 AD5 G . 5.99 -4.17 3.75
HAG1 AD5 G . 7.14 -3.30 5.75
HAG2 AD5 G . 8.33 -3.96 4.66
HBB AD5 G . 7.71 -5.96 3.11
HAF1 AD5 G . 8.79 -4.74 6.98
HAF2 AD5 G . 7.17 -5.37 7.17
HAH1 AD5 G . 9.32 -6.37 5.19
HAH2 AD5 G . 8.72 -7.23 6.59
HAL1 AD5 G . 7.63 -8.11 4.53
HAL2 AD5 G . 6.41 -7.38 5.57
H6 AD5 G . 4.89 -6.44 3.01
H8 AD5 G . 2.00 -9.39 0.39
H2 AD5 G . 8.81 -10.52 -0.12
HAB AD5 G . 11.06 -9.96 -0.78
HAA AD5 G . 9.45 -8.35 2.87
HAD AD5 G . 13.26 -9.16 -0.18
HAC AD5 G . 11.67 -7.53 3.46
HAM1 AD5 G . 14.53 -7.27 -0.17
HAM2 AD5 G . 14.01 -5.88 0.82
HAN1 AD5 G . 14.08 -7.80 4.12
HAN2 AD5 G . 13.67 -6.22 3.40
HAI1 AD5 G . 16.33 -5.70 0.32
HAI2 AD5 G . 16.69 -7.32 0.92
HAJ1 AD5 G . 16.56 -7.48 3.48
HAJ2 AD5 G . 16.02 -5.99 4.29
#